data_5GIE
#
_entry.id   5GIE
#
_cell.length_a   65.364
_cell.length_b   42.077
_cell.length_c   96.802
_cell.angle_alpha   90.00
_cell.angle_beta   94.55
_cell.angle_gamma   90.00
#
_symmetry.space_group_name_H-M   'P 1 21 1'
#
loop_
_entity.id
_entity.type
_entity.pdbx_description
1 polymer 'Vitamin D3 receptor'
2 polymer SRC1
3 non-polymer (3R,5S)-5-[(2R)-2-[(1R,3aS,4E,7aR)-7a-methyl-4-[(2Z)-2-[(3S,5R)-2-methylidene-3,5-bis(oxidanyl)cyclohexylidene]ethylidene]-2,3,3a,5,6,7-hexahydro-1H-inden-1-yl]propyl]-3-methyl-3-oxidanyl-1-(4-phenylbutyl)pyrrolidin-2-one
4 water water
#
loop_
_entity_poly.entity_id
_entity_poly.type
_entity_poly.pdbx_seq_one_letter_code
_entity_poly.pdbx_strand_id
1 'polypeptide(L)'
;KDSLRPKLSEEQQHIIAILLDAHHKTYDPTYADFRDFRPPVRMDGSTGSVTLDLSPLSMLPHLADLVSYSIQKVIGFAKM
IPGFRDLTSDDQIVLLKSSAIEVIMLRSNQSFTMDDMSWDCGSQDYKYDVTDVSKAGHTLELIEPLIKFQVGLKKLNLHE
EEHVLLMAICIVSPDRPGVQDAKLVEAIQDRLSNTLQTYIRCRHPPPGSHQLYAKMIQKLADLRSLNEEHSKQYRSLSFQ
PENSMKLTPLVLEVFG
;
A,D
2 'polypeptide(L)' NHPMLMNLLK C,E
#
loop_
_chem_comp.id
_chem_comp.type
_chem_comp.name
_chem_comp.formula
VDP non-polymer (3R,5S)-5-[(2R)-2-[(1R,3aS,4E,7aR)-7a-methyl-4-[(2Z)-2-[(3S,5R)-2-methylidene-3,5-bis(oxidanyl)cyclohexylidene]ethylidene]-2,3,3a,5,6,7-hexahydro-1H-inden-1-yl]propyl]-3-methyl-3-oxidanyl-1-(4-phenylbutyl)pyrrolidin-2-one 'C37 H53 N O4'
#
# COMPACT_ATOMS: atom_id res chain seq x y z
N LYS A 1 -42.64 -22.59 35.09
CA LYS A 1 -42.35 -23.92 34.56
C LYS A 1 -42.46 -23.97 33.03
N ASP A 2 -43.39 -23.19 32.47
CA ASP A 2 -43.41 -22.92 31.04
C ASP A 2 -42.48 -21.78 30.66
N SER A 3 -41.88 -21.12 31.66
CA SER A 3 -40.88 -20.06 31.52
C SER A 3 -39.52 -20.58 31.08
N LEU A 4 -39.36 -21.90 30.96
CA LEU A 4 -38.10 -22.49 30.55
C LEU A 4 -38.04 -22.78 29.05
N ARG A 5 -39.17 -22.68 28.35
CA ARG A 5 -39.16 -22.77 26.89
C ARG A 5 -38.32 -21.65 26.31
N PRO A 6 -37.31 -21.95 25.50
CA PRO A 6 -36.50 -20.88 24.91
C PRO A 6 -37.33 -20.01 23.97
N LYS A 7 -37.16 -18.69 24.11
CA LYS A 7 -37.78 -17.72 23.24
C LYS A 7 -36.80 -16.58 23.01
N LEU A 8 -36.64 -16.19 21.75
CA LEU A 8 -35.71 -15.12 21.40
C LEU A 8 -36.26 -13.79 21.90
N SER A 9 -35.55 -13.16 22.84
CA SER A 9 -36.05 -11.92 23.43
C SER A 9 -35.97 -10.75 22.44
N GLU A 10 -36.57 -9.63 22.82
CA GLU A 10 -36.57 -8.46 21.96
C GLU A 10 -35.17 -7.88 21.81
N GLU A 11 -34.41 -7.80 22.90
CA GLU A 11 -33.02 -7.35 22.80
C GLU A 11 -32.19 -8.30 21.93
N GLN A 12 -32.38 -9.61 22.10
CA GLN A 12 -31.68 -10.57 21.25
C GLN A 12 -32.06 -10.39 19.78
N GLN A 13 -33.30 -9.99 19.49
CA GLN A 13 -33.68 -9.78 18.11
C GLN A 13 -33.08 -8.47 17.56
N HIS A 14 -32.85 -7.49 18.43
CA HIS A 14 -32.16 -6.27 18.01
C HIS A 14 -30.68 -6.54 17.71
N ILE A 15 -30.04 -7.35 18.55
CA ILE A 15 -28.63 -7.69 18.33
C ILE A 15 -28.44 -8.35 16.97
N ILE A 16 -29.36 -9.25 16.61
CA ILE A 16 -29.26 -9.93 15.33
C ILE A 16 -29.48 -8.95 14.18
N ALA A 17 -30.48 -8.07 14.33
CA ALA A 17 -30.78 -7.09 13.28
C ALA A 17 -29.60 -6.15 13.07
N ILE A 18 -28.90 -5.78 14.14
CA ILE A 18 -27.77 -4.87 14.02
C ILE A 18 -26.60 -5.56 13.36
N LEU A 19 -26.30 -6.80 13.78
CA LEU A 19 -25.16 -7.49 13.22
C LEU A 19 -25.38 -7.83 11.75
N LEU A 20 -26.60 -8.23 11.39
CA LEU A 20 -26.94 -8.42 9.98
C LEU A 20 -26.70 -7.14 9.19
N ASP A 21 -27.21 -6.02 9.70
CA ASP A 21 -27.11 -4.76 8.98
C ASP A 21 -25.66 -4.30 8.88
N ALA A 22 -24.91 -4.46 9.97
CA ALA A 22 -23.50 -4.08 9.98
C ALA A 22 -22.72 -4.88 8.96
N HIS A 23 -23.05 -6.17 8.83
CA HIS A 23 -22.35 -6.99 7.86
C HIS A 23 -22.77 -6.66 6.43
N HIS A 24 -24.01 -6.22 6.24
CA HIS A 24 -24.44 -5.88 4.88
C HIS A 24 -23.80 -4.58 4.41
N LYS A 25 -23.50 -3.68 5.33
CA LYS A 25 -22.82 -2.44 5.00
C LYS A 25 -21.31 -2.60 4.85
N THR A 26 -20.72 -3.68 5.40
CA THR A 26 -19.28 -3.85 5.39
C THR A 26 -18.79 -4.99 4.50
N TYR A 27 -19.68 -5.77 3.92
CA TYR A 27 -19.33 -6.87 3.01
C TYR A 27 -20.14 -6.70 1.73
N ASP A 28 -19.47 -6.30 0.65
CA ASP A 28 -20.13 -6.08 -0.63
C ASP A 28 -20.06 -7.36 -1.45
N PRO A 29 -21.15 -8.12 -1.58
CA PRO A 29 -21.11 -9.37 -2.33
C PRO A 29 -20.97 -9.19 -3.82
N THR A 30 -20.98 -7.97 -4.34
CA THR A 30 -20.63 -7.76 -5.74
C THR A 30 -19.14 -7.50 -5.94
N TYR A 31 -18.39 -7.30 -4.85
CA TYR A 31 -16.94 -7.17 -4.89
C TYR A 31 -16.48 -6.05 -5.81
N ALA A 32 -17.28 -4.97 -5.90
CA ALA A 32 -16.97 -3.91 -6.86
C ALA A 32 -15.68 -3.19 -6.52
N ASP A 33 -15.37 -3.05 -5.24
CA ASP A 33 -14.15 -2.36 -4.83
C ASP A 33 -12.87 -3.09 -5.24
N PHE A 34 -12.94 -4.36 -5.63
CA PHE A 34 -11.71 -5.10 -5.96
C PHE A 34 -10.99 -4.49 -7.14
N ARG A 35 -11.72 -3.78 -8.01
CA ARG A 35 -11.09 -3.11 -9.15
C ARG A 35 -10.12 -2.02 -8.71
N ASP A 36 -10.29 -1.47 -7.51
CA ASP A 36 -9.35 -0.46 -7.01
C ASP A 36 -8.02 -1.04 -6.54
N PHE A 37 -7.93 -2.36 -6.39
CA PHE A 37 -6.69 -2.96 -5.91
C PHE A 37 -5.64 -2.97 -7.00
N ARG A 38 -4.40 -3.01 -6.59
CA ARG A 38 -3.35 -3.37 -7.52
C ARG A 38 -3.74 -4.67 -8.22
N PRO A 39 -3.56 -4.75 -9.54
CA PRO A 39 -4.14 -5.86 -10.29
C PRO A 39 -3.54 -7.19 -9.85
N PRO A 40 -4.31 -8.28 -9.94
CA PRO A 40 -3.73 -9.61 -9.78
C PRO A 40 -2.87 -9.98 -10.98
N VAL A 41 -1.77 -10.68 -10.71
CA VAL A 41 -0.84 -11.11 -11.74
C VAL A 41 -0.67 -12.61 -11.61
N ARG A 42 -1.24 -13.36 -12.54
CA ARG A 42 -1.01 -14.80 -12.61
C ARG A 42 -0.28 -15.24 -13.88
N MET A 43 -0.48 -14.54 -14.99
CA MET A 43 0.14 -14.85 -16.27
C MET A 43 1.32 -13.92 -16.54
N ASP A 44 2.29 -14.42 -17.31
CA ASP A 44 3.49 -13.63 -17.59
C ASP A 44 3.16 -12.48 -18.54
N GLY A 45 3.75 -11.31 -18.26
CA GLY A 45 3.42 -10.12 -19.03
C GLY A 45 3.75 -10.25 -20.51
N SER A 46 4.82 -10.97 -20.83
CA SER A 46 5.20 -11.22 -22.21
C SER A 46 4.06 -11.87 -23.01
N SER A 49 0.17 -13.22 -22.21
CA SER A 49 -0.37 -13.69 -20.94
C SER A 49 -1.06 -15.05 -21.11
N VAL A 50 -0.42 -15.88 -21.94
CA VAL A 50 -0.86 -17.25 -22.17
C VAL A 50 -0.06 -18.27 -21.35
N THR A 51 0.92 -17.80 -20.58
CA THR A 51 1.77 -18.66 -19.78
C THR A 51 1.84 -18.10 -18.35
N LEU A 52 2.11 -18.97 -17.39
CA LEU A 52 2.08 -18.55 -16.00
C LEU A 52 3.31 -17.73 -15.63
N ASP A 53 3.11 -16.78 -14.71
CA ASP A 53 4.19 -16.03 -14.12
C ASP A 53 4.84 -16.85 -13.02
N LEU A 54 6.17 -16.93 -13.06
CA LEU A 54 6.90 -17.82 -12.17
C LEU A 54 7.38 -17.15 -10.89
N SER A 55 7.23 -15.83 -10.76
CA SER A 55 7.57 -15.18 -9.50
C SER A 55 6.59 -15.64 -8.42
N PRO A 56 7.08 -16.17 -7.29
CA PRO A 56 6.16 -16.69 -6.26
C PRO A 56 5.43 -15.60 -5.50
N LEU A 57 5.86 -14.33 -5.60
CA LEU A 57 5.19 -13.22 -4.95
C LEU A 57 4.40 -12.36 -5.93
N SER A 58 4.09 -12.89 -7.12
CA SER A 58 3.43 -12.07 -8.12
C SER A 58 2.03 -11.66 -7.70
N MET A 59 1.38 -12.44 -6.83
CA MET A 59 0.05 -12.13 -6.31
C MET A 59 0.09 -11.22 -5.09
N LEU A 60 1.28 -10.97 -4.53
CA LEU A 60 1.38 -10.21 -3.29
C LEU A 60 0.77 -8.82 -3.34
N PRO A 61 1.09 -7.94 -4.31
CA PRO A 61 0.42 -6.63 -4.31
C PRO A 61 -1.10 -6.74 -4.24
N HIS A 62 -1.67 -7.66 -4.99
CA HIS A 62 -3.13 -7.76 -5.06
C HIS A 62 -3.71 -8.25 -3.75
N LEU A 63 -3.13 -9.30 -3.18
CA LEU A 63 -3.67 -9.88 -1.96
C LEU A 63 -3.42 -8.97 -0.77
N ALA A 64 -2.27 -8.29 -0.76
CA ALA A 64 -2.01 -7.30 0.29
C ALA A 64 -3.08 -6.21 0.29
N ASP A 65 -3.47 -5.73 -0.90
CA ASP A 65 -4.52 -4.72 -0.95
C ASP A 65 -5.86 -5.30 -0.53
N LEU A 66 -6.10 -6.57 -0.87
CA LEU A 66 -7.35 -7.24 -0.48
C LEU A 66 -7.43 -7.38 1.03
N VAL A 67 -6.35 -7.85 1.66
CA VAL A 67 -6.32 -7.98 3.12
C VAL A 67 -6.49 -6.62 3.78
N SER A 68 -5.75 -5.61 3.29
CA SER A 68 -5.80 -4.29 3.90
C SER A 68 -7.22 -3.72 3.85
N TYR A 69 -7.83 -3.82 2.68
CA TYR A 69 -9.23 -3.45 2.53
C TYR A 69 -10.14 -4.24 3.49
N SER A 70 -9.90 -5.55 3.63
CA SER A 70 -10.76 -6.36 4.49
C SER A 70 -10.61 -5.97 5.96
N ILE A 71 -9.38 -5.62 6.38
CA ILE A 71 -9.17 -5.09 7.72
C ILE A 71 -10.05 -3.87 7.97
N GLN A 72 -10.13 -2.96 6.99
CA GLN A 72 -10.99 -1.79 7.15
C GLN A 72 -12.45 -2.20 7.35
N LYS A 73 -12.90 -3.21 6.62
CA LYS A 73 -14.30 -3.63 6.73
C LYS A 73 -14.56 -4.32 8.07
N VAL A 74 -13.62 -5.14 8.53
CA VAL A 74 -13.74 -5.77 9.84
C VAL A 74 -13.84 -4.72 10.93
N ILE A 75 -13.02 -3.67 10.88
CA ILE A 75 -13.12 -2.60 11.86
C ILE A 75 -14.50 -1.96 11.79
N GLY A 76 -14.95 -1.62 10.59
CA GLY A 76 -16.28 -1.03 10.44
C GLY A 76 -17.39 -1.91 11.03
N PHE A 77 -17.27 -3.23 10.87
CA PHE A 77 -18.27 -4.13 11.42
C PHE A 77 -18.19 -4.20 12.95
N ALA A 78 -16.96 -4.37 13.47
CA ALA A 78 -16.76 -4.43 14.92
C ALA A 78 -17.35 -3.21 15.63
N LYS A 79 -17.19 -2.01 15.05
CA LYS A 79 -17.70 -0.82 15.72
C LYS A 79 -19.22 -0.89 15.94
N MET A 80 -19.93 -1.71 15.16
CA MET A 80 -21.37 -1.82 15.30
CA MET A 80 -21.37 -1.84 15.28
C MET A 80 -21.79 -2.96 16.22
N ILE A 81 -20.86 -3.78 16.69
CA ILE A 81 -21.16 -4.85 17.65
C ILE A 81 -21.74 -4.20 18.90
N PRO A 82 -22.95 -4.55 19.32
CA PRO A 82 -23.54 -3.94 20.52
C PRO A 82 -22.64 -4.15 21.73
N GLY A 83 -22.19 -3.05 22.32
CA GLY A 83 -21.32 -3.07 23.47
C GLY A 83 -19.84 -2.83 23.16
N PHE A 84 -19.43 -3.02 21.91
CA PHE A 84 -18.02 -2.85 21.57
C PHE A 84 -17.55 -1.44 21.87
N ARG A 85 -18.43 -0.45 21.74
CA ARG A 85 -18.02 0.94 21.91
C ARG A 85 -17.94 1.36 23.37
N ASP A 86 -18.53 0.60 24.29
CA ASP A 86 -18.32 0.85 25.72
C ASP A 86 -16.90 0.56 26.15
N LEU A 87 -16.13 -0.17 25.34
CA LEU A 87 -14.76 -0.52 25.69
C LEU A 87 -13.83 0.69 25.54
N THR A 88 -12.74 0.69 26.30
CA THR A 88 -11.70 1.69 26.09
C THR A 88 -11.09 1.54 24.71
N SER A 89 -10.46 2.61 24.24
CA SER A 89 -9.82 2.54 22.93
C SER A 89 -8.65 1.57 22.91
N ASP A 90 -8.00 1.35 24.04
CA ASP A 90 -6.93 0.35 24.11
C ASP A 90 -7.48 -1.06 23.92
N ASP A 91 -8.59 -1.39 24.59
CA ASP A 91 -9.13 -2.74 24.47
C ASP A 91 -9.65 -2.99 23.06
N GLN A 92 -10.30 -2.00 22.44
CA GLN A 92 -10.72 -2.13 21.06
C GLN A 92 -9.55 -2.45 20.15
N ILE A 93 -8.45 -1.69 20.28
CA ILE A 93 -7.26 -1.92 19.47
C ILE A 93 -6.70 -3.32 19.70
N VAL A 94 -6.64 -3.75 20.96
CA VAL A 94 -6.16 -5.10 21.27
C VAL A 94 -7.07 -6.16 20.66
N LEU A 95 -8.39 -5.95 20.68
CA LEU A 95 -9.32 -6.95 20.14
C LEU A 95 -9.20 -7.05 18.63
N LEU A 96 -9.06 -5.92 17.94
CA LEU A 96 -8.98 -5.96 16.48
C LEU A 96 -7.63 -6.48 16.01
N LYS A 97 -6.54 -6.07 16.66
CA LYS A 97 -5.23 -6.55 16.26
C LYS A 97 -5.18 -8.07 16.34
N SER A 98 -5.84 -8.62 17.35
CA SER A 98 -5.75 -10.05 17.62
C SER A 98 -6.66 -10.84 16.70
N SER A 99 -7.85 -10.32 16.39
CA SER A 99 -8.87 -11.10 15.70
C SER A 99 -8.99 -10.78 14.22
N ALA A 100 -8.25 -9.79 13.72
CA ALA A 100 -8.42 -9.31 12.35
C ALA A 100 -8.28 -10.43 11.33
N ILE A 101 -7.19 -11.21 11.42
CA ILE A 101 -6.95 -12.26 10.43
C ILE A 101 -7.94 -13.41 10.62
N GLU A 102 -8.46 -13.61 11.83
CA GLU A 102 -9.47 -14.65 12.05
C GLU A 102 -10.82 -14.25 11.48
N VAL A 103 -11.22 -13.00 11.68
CA VAL A 103 -12.49 -12.54 11.10
C VAL A 103 -12.40 -12.54 9.57
N ILE A 104 -11.23 -12.18 9.02
CA ILE A 104 -11.04 -12.24 7.57
C ILE A 104 -11.25 -13.66 7.06
N MET A 105 -10.70 -14.65 7.76
CA MET A 105 -10.89 -16.02 7.30
C MET A 105 -12.33 -16.50 7.50
N LEU A 106 -12.96 -16.13 8.62
CA LEU A 106 -14.38 -16.40 8.78
C LEU A 106 -15.18 -15.78 7.63
N ARG A 107 -15.07 -14.46 7.45
CA ARG A 107 -15.91 -13.79 6.49
C ARG A 107 -15.62 -14.22 5.05
N SER A 108 -14.38 -14.70 4.76
CA SER A 108 -14.08 -15.14 3.41
C SER A 108 -14.90 -16.37 3.01
N ASN A 109 -15.39 -17.14 3.98
CA ASN A 109 -16.19 -18.33 3.68
C ASN A 109 -17.41 -18.00 2.83
N GLN A 110 -17.87 -16.76 2.85
CA GLN A 110 -18.94 -16.33 1.94
C GLN A 110 -18.53 -16.51 0.48
N SER A 111 -17.26 -16.25 0.14
CA SER A 111 -16.84 -16.40 -1.25
C SER A 111 -16.21 -17.77 -1.52
N PHE A 112 -15.82 -18.50 -0.48
CA PHE A 112 -15.27 -19.83 -0.68
C PHE A 112 -16.32 -20.77 -1.27
N THR A 113 -15.91 -21.61 -2.22
CA THR A 113 -16.82 -22.60 -2.80
C THR A 113 -16.16 -23.97 -2.81
N MET A 114 -16.94 -24.99 -2.46
CA MET A 114 -16.45 -26.36 -2.45
C MET A 114 -16.50 -27.01 -3.82
N ASP A 115 -17.00 -26.32 -4.85
CA ASP A 115 -16.97 -26.88 -6.19
C ASP A 115 -15.55 -27.07 -6.69
N ASP A 116 -14.65 -26.11 -6.39
CA ASP A 116 -13.25 -26.31 -6.69
C ASP A 116 -12.33 -25.77 -5.58
N MET A 117 -12.86 -25.60 -4.37
CA MET A 117 -12.05 -25.26 -3.21
C MET A 117 -11.25 -23.98 -3.44
N SER A 118 -11.95 -22.95 -3.92
CA SER A 118 -11.34 -21.65 -4.11
C SER A 118 -12.26 -20.57 -3.57
N TRP A 119 -11.70 -19.38 -3.41
CA TRP A 119 -12.45 -18.19 -3.03
C TRP A 119 -12.83 -17.44 -4.31
N ASP A 120 -14.12 -17.44 -4.65
CA ASP A 120 -14.58 -16.93 -5.93
C ASP A 120 -15.34 -15.63 -5.72
N CYS A 121 -14.76 -14.52 -6.17
CA CYS A 121 -15.31 -13.19 -5.94
C CYS A 121 -15.85 -12.54 -7.20
N GLY A 122 -16.57 -13.30 -8.04
CA GLY A 122 -17.41 -12.75 -9.08
C GLY A 122 -16.84 -12.85 -10.49
N SER A 123 -15.53 -13.00 -10.62
CA SER A 123 -14.92 -13.16 -11.93
C SER A 123 -13.66 -13.98 -11.76
N GLN A 124 -13.07 -14.38 -12.90
CA GLN A 124 -11.86 -15.20 -12.83
C GLN A 124 -10.65 -14.36 -12.42
N ASP A 125 -10.69 -13.04 -12.65
CA ASP A 125 -9.66 -12.16 -12.10
C ASP A 125 -9.60 -12.28 -10.59
N TYR A 126 -10.76 -12.39 -9.94
CA TYR A 126 -10.85 -12.42 -8.49
C TYR A 126 -11.30 -13.77 -7.96
N LYS A 127 -10.93 -14.85 -8.65
CA LYS A 127 -11.04 -16.22 -8.13
C LYS A 127 -9.66 -16.66 -7.66
N TYR A 128 -9.51 -16.93 -6.35
CA TYR A 128 -8.23 -17.29 -5.75
C TYR A 128 -8.24 -18.74 -5.29
N ASP A 129 -7.33 -19.54 -5.85
CA ASP A 129 -7.17 -20.93 -5.48
C ASP A 129 -5.85 -21.09 -4.72
N VAL A 130 -5.46 -22.35 -4.48
CA VAL A 130 -4.24 -22.64 -3.75
C VAL A 130 -3.03 -22.11 -4.48
N THR A 131 -3.02 -22.19 -5.81
CA THR A 131 -1.86 -21.79 -6.60
C THR A 131 -1.55 -20.30 -6.41
N ASP A 132 -2.59 -19.46 -6.33
CA ASP A 132 -2.39 -18.04 -6.11
C ASP A 132 -1.80 -17.78 -4.73
N VAL A 133 -2.46 -18.27 -3.68
CA VAL A 133 -2.01 -18.07 -2.30
C VAL A 133 -0.61 -18.65 -2.08
N SER A 134 -0.16 -19.54 -2.96
CA SER A 134 1.17 -20.14 -2.87
C SER A 134 2.27 -19.08 -2.92
N HIS A 138 6.68 -22.06 0.48
CA HIS A 138 6.38 -22.98 1.56
C HIS A 138 5.24 -22.46 2.42
N THR A 139 4.24 -21.90 1.76
CA THR A 139 3.04 -21.43 2.44
C THR A 139 1.99 -22.53 2.62
N LEU A 140 2.31 -23.79 2.25
CA LEU A 140 1.32 -24.84 2.41
C LEU A 140 1.06 -25.19 3.87
N GLU A 141 2.01 -24.84 4.75
CA GLU A 141 1.80 -24.97 6.18
C GLU A 141 0.55 -24.22 6.62
N LEU A 142 0.22 -23.11 5.95
CA LEU A 142 -1.00 -22.38 6.25
C LEU A 142 -2.17 -22.76 5.36
N ILE A 143 -1.93 -23.06 4.08
CA ILE A 143 -3.04 -23.09 3.14
C ILE A 143 -3.82 -24.39 3.28
N GLU A 144 -3.13 -25.52 3.43
CA GLU A 144 -3.85 -26.79 3.61
C GLU A 144 -4.75 -26.75 4.84
N PRO A 145 -4.28 -26.35 6.04
CA PRO A 145 -5.24 -26.20 7.15
C PRO A 145 -6.35 -25.23 6.84
N LEU A 146 -6.00 -24.06 6.28
CA LEU A 146 -6.99 -23.04 5.95
C LEU A 146 -8.12 -23.62 5.11
N ILE A 147 -7.77 -24.37 4.06
CA ILE A 147 -8.80 -24.94 3.20
C ILE A 147 -9.61 -25.99 3.95
N LYS A 148 -8.95 -26.86 4.71
CA LYS A 148 -9.71 -27.80 5.55
C LYS A 148 -10.66 -27.05 6.46
N PHE A 149 -10.24 -25.89 6.96
CA PHE A 149 -11.10 -25.10 7.81
C PHE A 149 -12.32 -24.59 7.05
N GLN A 150 -12.10 -24.03 5.85
CA GLN A 150 -13.19 -23.44 5.08
C GLN A 150 -14.22 -24.48 4.67
N VAL A 151 -13.75 -25.69 4.37
CA VAL A 151 -14.66 -26.78 4.05
C VAL A 151 -15.51 -27.12 5.25
N GLY A 152 -14.87 -27.27 6.42
CA GLY A 152 -15.62 -27.61 7.61
C GLY A 152 -16.65 -26.55 7.96
N LEU A 153 -16.27 -25.28 7.79
CA LEU A 153 -17.19 -24.18 8.09
C LEU A 153 -18.32 -24.13 7.08
N LYS A 154 -18.00 -24.29 5.79
CA LYS A 154 -19.02 -24.28 4.75
C LYS A 154 -20.04 -25.39 4.94
N LYS A 155 -19.59 -26.53 5.47
CA LYS A 155 -20.49 -27.65 5.69
C LYS A 155 -21.42 -27.44 6.88
N LEU A 156 -21.13 -26.49 7.77
CA LEU A 156 -22.08 -26.19 8.84
C LEU A 156 -23.34 -25.51 8.31
N ASN A 157 -23.30 -24.92 7.11
CA ASN A 157 -24.47 -24.39 6.45
C ASN A 157 -25.15 -23.32 7.32
N LEU A 158 -24.33 -22.41 7.84
CA LEU A 158 -24.83 -21.43 8.80
C LEU A 158 -25.84 -20.49 8.14
N HIS A 159 -26.92 -20.19 8.87
CA HIS A 159 -27.73 -19.02 8.55
C HIS A 159 -26.87 -17.77 8.63
N GLU A 160 -27.23 -16.75 7.84
CA GLU A 160 -26.51 -15.49 7.91
C GLU A 160 -26.51 -14.94 9.33
N GLU A 161 -27.61 -15.13 10.07
CA GLU A 161 -27.68 -14.69 11.45
C GLU A 161 -26.62 -15.36 12.31
N GLU A 162 -26.43 -16.67 12.14
CA GLU A 162 -25.38 -17.36 12.89
C GLU A 162 -24.01 -16.89 12.45
N HIS A 163 -23.86 -16.58 11.16
CA HIS A 163 -22.56 -16.22 10.61
C HIS A 163 -22.05 -14.91 11.19
N VAL A 164 -22.89 -13.88 11.23
CA VAL A 164 -22.45 -12.61 11.77
C VAL A 164 -22.24 -12.71 13.27
N LEU A 165 -23.05 -13.52 13.96
CA LEU A 165 -22.88 -13.69 15.40
C LEU A 165 -21.53 -14.32 15.72
N LEU A 166 -21.09 -15.29 14.91
CA LEU A 166 -19.79 -15.90 15.12
C LEU A 166 -18.66 -14.90 14.89
N MET A 167 -18.80 -14.03 13.89
CA MET A 167 -17.79 -13.01 13.65
C MET A 167 -17.70 -12.07 14.85
N ALA A 168 -18.84 -11.66 15.40
CA ALA A 168 -18.83 -10.77 16.55
C ALA A 168 -18.28 -11.47 17.80
N ILE A 169 -18.65 -12.75 18.01
CA ILE A 169 -18.09 -13.49 19.15
C ILE A 169 -16.58 -13.65 19.01
N CYS A 170 -16.09 -13.83 17.78
CA CYS A 170 -14.66 -13.90 17.54
C CYS A 170 -13.96 -12.60 17.98
N ILE A 171 -14.46 -11.45 17.53
CA ILE A 171 -13.79 -10.19 17.84
C ILE A 171 -13.76 -9.93 19.35
N VAL A 172 -14.87 -10.19 20.04
CA VAL A 172 -14.98 -9.82 21.45
C VAL A 172 -14.58 -11.01 22.33
N SER A 173 -13.32 -11.45 22.21
CA SER A 173 -12.85 -12.56 23.02
C SER A 173 -12.10 -12.02 24.22
N PRO A 174 -12.55 -12.32 25.45
CA PRO A 174 -11.90 -11.75 26.63
C PRO A 174 -10.53 -12.30 26.93
N ASP A 175 -10.11 -13.40 26.29
CA ASP A 175 -8.83 -14.03 26.58
C ASP A 175 -7.70 -13.57 25.64
N ARG A 176 -7.96 -12.60 24.78
CA ARG A 176 -6.91 -12.11 23.88
C ARG A 176 -5.79 -11.43 24.68
N PRO A 177 -4.54 -11.60 24.27
CA PRO A 177 -3.43 -10.94 24.97
C PRO A 177 -3.54 -9.41 24.95
N GLY A 178 -3.25 -8.80 26.09
CA GLY A 178 -3.28 -7.35 26.22
C GLY A 178 -4.61 -6.76 26.64
N VAL A 179 -5.69 -7.58 26.67
CA VAL A 179 -6.97 -7.10 27.15
C VAL A 179 -6.85 -6.65 28.60
N GLN A 180 -7.33 -5.43 28.87
CA GLN A 180 -7.27 -4.89 30.23
C GLN A 180 -8.53 -5.23 31.01
N ASP A 181 -9.69 -4.87 30.47
CA ASP A 181 -10.97 -5.03 31.18
C ASP A 181 -11.64 -6.29 30.65
N ALA A 182 -11.17 -7.44 31.14
CA ALA A 182 -11.68 -8.72 30.66
C ALA A 182 -13.11 -8.98 31.15
N LYS A 183 -13.48 -8.48 32.32
CA LYS A 183 -14.86 -8.68 32.79
C LYS A 183 -15.86 -8.02 31.84
N LEU A 184 -15.59 -6.79 31.42
CA LEU A 184 -16.50 -6.10 30.51
C LEU A 184 -16.56 -6.80 29.15
N VAL A 185 -15.40 -7.16 28.59
CA VAL A 185 -15.37 -7.90 27.33
C VAL A 185 -16.14 -9.22 27.46
N GLU A 186 -15.97 -9.91 28.57
CA GLU A 186 -16.64 -11.19 28.76
C GLU A 186 -18.16 -11.01 28.83
N ALA A 187 -18.62 -9.92 29.45
CA ALA A 187 -20.06 -9.66 29.52
C ALA A 187 -20.64 -9.35 28.14
N ILE A 188 -19.88 -8.65 27.31
CA ILE A 188 -20.33 -8.37 25.95
C ILE A 188 -20.41 -9.67 25.14
N GLN A 189 -19.41 -10.54 25.31
CA GLN A 189 -19.42 -11.81 24.58
C GLN A 189 -20.51 -12.74 25.10
N ASP A 190 -20.76 -12.75 26.42
CA ASP A 190 -21.85 -13.56 26.96
C ASP A 190 -23.19 -13.17 26.34
N ARG A 191 -23.44 -11.88 26.18
CA ARG A 191 -24.70 -11.46 25.56
C ARG A 191 -24.81 -11.97 24.13
N LEU A 192 -23.68 -12.02 23.42
CA LEU A 192 -23.71 -12.52 22.05
C LEU A 192 -23.84 -14.03 22.01
N SER A 193 -23.14 -14.74 22.91
CA SER A 193 -23.22 -16.19 22.96
C SER A 193 -24.63 -16.67 23.25
N ASN A 194 -25.28 -16.06 24.25
CA ASN A 194 -26.64 -16.45 24.58
C ASN A 194 -27.60 -16.17 23.43
N THR A 195 -27.41 -15.04 22.74
CA THR A 195 -28.18 -14.78 21.53
C THR A 195 -28.02 -15.92 20.53
N LEU A 196 -26.78 -16.37 20.28
CA LEU A 196 -26.60 -17.36 19.22
C LEU A 196 -27.20 -18.70 19.63
N GLN A 197 -26.95 -19.09 20.89
CA GLN A 197 -27.51 -20.34 21.41
C GLN A 197 -29.03 -20.30 21.40
N THR A 198 -29.61 -19.19 21.80
CA THR A 198 -31.07 -19.09 21.76
C THR A 198 -31.55 -19.03 20.32
N TYR A 199 -30.78 -18.40 19.43
CA TYR A 199 -31.19 -18.37 18.02
C TYR A 199 -31.25 -19.77 17.43
N ILE A 200 -30.20 -20.58 17.64
CA ILE A 200 -30.17 -21.90 17.04
C ILE A 200 -31.35 -22.73 17.53
N ARG A 201 -31.62 -22.68 18.82
CA ARG A 201 -32.66 -23.53 19.41
C ARG A 201 -34.06 -23.12 18.95
N CYS A 202 -34.28 -21.83 18.67
CA CYS A 202 -35.58 -21.32 18.29
C CYS A 202 -35.76 -21.16 16.78
N ARG A 203 -34.68 -21.02 16.03
CA ARG A 203 -34.79 -20.68 14.62
C ARG A 203 -34.11 -21.68 13.69
N HIS A 204 -33.19 -22.50 14.18
CA HIS A 204 -32.50 -23.42 13.30
C HIS A 204 -33.17 -24.79 13.39
N PRO A 205 -33.86 -25.24 12.35
CA PRO A 205 -34.56 -26.52 12.43
C PRO A 205 -33.58 -27.67 12.45
N PRO A 206 -33.96 -28.80 13.05
CA PRO A 206 -33.22 -30.06 12.88
C PRO A 206 -33.41 -30.59 11.46
N PRO A 207 -32.48 -31.43 10.98
CA PRO A 207 -31.33 -31.97 11.72
C PRO A 207 -30.07 -31.10 11.71
N GLY A 208 -30.03 -30.09 10.84
CA GLY A 208 -28.82 -29.29 10.72
C GLY A 208 -28.39 -28.59 12.00
N SER A 209 -29.33 -28.37 12.92
CA SER A 209 -29.05 -27.67 14.18
C SER A 209 -28.41 -28.55 15.25
N HIS A 210 -28.24 -29.84 14.99
CA HIS A 210 -27.72 -30.75 15.99
C HIS A 210 -26.27 -30.39 16.36
N GLN A 211 -26.05 -30.08 17.63
CA GLN A 211 -24.73 -29.79 18.18
C GLN A 211 -24.06 -28.60 17.48
N LEU A 212 -24.86 -27.74 16.84
CA LEU A 212 -24.31 -26.70 15.98
C LEU A 212 -23.48 -25.69 16.76
N TYR A 213 -23.96 -25.27 17.93
CA TYR A 213 -23.23 -24.30 18.73
C TYR A 213 -21.87 -24.83 19.16
N ALA A 214 -21.79 -26.09 19.60
CA ALA A 214 -20.50 -26.68 19.96
C ALA A 214 -19.57 -26.73 18.75
N LYS A 215 -20.11 -27.04 17.57
CA LYS A 215 -19.28 -27.06 16.38
C LYS A 215 -18.76 -25.67 16.02
N MET A 216 -19.59 -24.64 16.21
CA MET A 216 -19.17 -23.28 15.89
C MET A 216 -18.05 -22.83 16.81
N ILE A 217 -18.17 -23.14 18.11
CA ILE A 217 -17.11 -22.79 19.06
C ILE A 217 -15.82 -23.52 18.75
N GLN A 218 -15.91 -24.72 18.18
CA GLN A 218 -14.70 -25.40 17.74
C GLN A 218 -14.03 -24.67 16.57
N LYS A 219 -14.83 -23.99 15.72
CA LYS A 219 -14.23 -23.23 14.64
C LYS A 219 -13.48 -22.02 15.18
N LEU A 220 -13.98 -21.43 16.25
CA LEU A 220 -13.22 -20.39 16.94
C LEU A 220 -11.92 -20.95 17.48
N ALA A 221 -11.95 -22.20 17.99
CA ALA A 221 -10.72 -22.84 18.45
C ALA A 221 -9.78 -23.12 17.29
N ASP A 222 -10.31 -23.60 16.16
CA ASP A 222 -9.47 -23.84 14.98
C ASP A 222 -8.80 -22.55 14.51
N LEU A 223 -9.50 -21.42 14.61
CA LEU A 223 -8.97 -20.16 14.11
C LEU A 223 -7.71 -19.74 14.87
N ARG A 224 -7.67 -19.97 16.19
CA ARG A 224 -6.49 -19.64 16.97
C ARG A 224 -5.25 -20.27 16.38
N SER A 225 -5.36 -21.56 16.04
CA SER A 225 -4.25 -22.28 15.46
C SER A 225 -3.84 -21.71 14.10
N LEU A 226 -4.82 -21.32 13.29
CA LEU A 226 -4.51 -20.68 12.01
C LEU A 226 -3.90 -19.30 12.21
N ASN A 227 -4.41 -18.54 13.19
CA ASN A 227 -3.82 -17.25 13.54
C ASN A 227 -2.33 -17.39 13.85
N GLU A 228 -1.97 -18.33 14.73
CA GLU A 228 -0.55 -18.54 15.03
C GLU A 228 0.21 -18.94 13.77
N GLU A 229 -0.36 -19.84 12.98
CA GLU A 229 0.26 -20.26 11.73
C GLU A 229 0.41 -19.09 10.75
N HIS A 230 -0.64 -18.28 10.59
CA HIS A 230 -0.51 -17.08 9.76
C HIS A 230 0.54 -16.13 10.31
N SER A 231 0.68 -16.05 11.64
CA SER A 231 1.67 -15.18 12.25
C SER A 231 3.10 -15.58 11.85
N LYS A 232 3.39 -16.87 11.84
CA LYS A 232 4.74 -17.32 11.49
C LYS A 232 5.05 -17.02 10.02
N GLN A 233 4.10 -17.31 9.12
CA GLN A 233 4.32 -17.01 7.71
C GLN A 233 4.52 -15.52 7.50
N TYR A 234 3.71 -14.71 8.18
CA TYR A 234 3.73 -13.29 7.95
C TYR A 234 5.04 -12.69 8.44
N ARG A 235 5.54 -13.12 9.60
CA ARG A 235 6.78 -12.55 10.10
C ARG A 235 7.97 -12.91 9.22
N SER A 236 7.96 -14.09 8.60
CA SER A 236 9.06 -14.45 7.71
C SER A 236 8.96 -13.70 6.38
N LEU A 237 7.74 -13.48 5.90
CA LEU A 237 7.55 -12.73 4.67
C LEU A 237 7.89 -11.26 4.88
N SER A 238 7.28 -10.64 5.89
CA SER A 238 7.48 -9.21 6.12
C SER A 238 8.91 -8.86 6.50
N PHE A 239 9.74 -9.84 6.82
CA PHE A 239 11.12 -9.52 7.19
C PHE A 239 11.94 -9.07 5.99
N GLN A 240 11.71 -9.67 4.83
CA GLN A 240 12.42 -9.26 3.63
C GLN A 240 11.91 -7.91 3.16
N PRO A 241 12.76 -6.88 3.09
CA PRO A 241 12.28 -5.55 2.68
C PRO A 241 11.65 -5.52 1.30
N GLU A 242 12.14 -6.34 0.37
CA GLU A 242 11.52 -6.37 -0.95
C GLU A 242 10.06 -6.81 -0.86
N ASN A 243 9.75 -7.72 0.06
CA ASN A 243 8.35 -8.13 0.21
C ASN A 243 7.54 -7.14 1.03
N SER A 244 8.15 -6.50 2.03
CA SER A 244 7.35 -5.58 2.81
C SER A 244 7.12 -4.25 2.10
N MET A 245 7.98 -3.88 1.14
CA MET A 245 7.64 -2.80 0.21
C MET A 245 6.29 -3.04 -0.47
N LYS A 246 5.95 -4.29 -0.73
CA LYS A 246 4.71 -4.65 -1.40
C LYS A 246 3.50 -4.62 -0.48
N LEU A 247 3.70 -4.39 0.82
CA LEU A 247 2.59 -4.34 1.76
C LEU A 247 1.99 -2.94 1.79
N THR A 248 0.99 -2.76 2.64
CA THR A 248 0.31 -1.49 2.85
C THR A 248 0.59 -1.01 4.26
N PRO A 249 0.52 0.29 4.51
CA PRO A 249 0.74 0.78 5.88
C PRO A 249 -0.20 0.16 6.91
N LEU A 250 -1.47 0.00 6.60
CA LEU A 250 -2.39 -0.56 7.58
C LEU A 250 -2.02 -1.99 7.93
N VAL A 251 -1.68 -2.81 6.94
CA VAL A 251 -1.31 -4.20 7.23
C VAL A 251 -0.05 -4.22 8.10
N LEU A 252 0.94 -3.38 7.76
CA LEU A 252 2.17 -3.34 8.54
C LEU A 252 1.91 -2.96 10.00
N GLU A 253 1.02 -2.00 10.21
CA GLU A 253 0.70 -1.60 11.57
C GLU A 253 -0.09 -2.68 12.30
N VAL A 254 -1.08 -3.27 11.65
CA VAL A 254 -1.93 -4.22 12.33
C VAL A 254 -1.22 -5.56 12.52
N PHE A 255 -0.56 -6.05 11.49
CA PHE A 255 0.05 -7.38 11.59
C PHE A 255 1.46 -7.33 12.14
N GLY A 256 2.11 -6.17 12.09
CA GLY A 256 3.39 -6.01 12.75
C GLY A 256 3.23 -5.80 14.24
N ASN B 1 0.99 3.51 19.52
CA ASN B 1 1.71 3.28 18.27
C ASN B 1 0.84 2.56 17.24
N HIS B 2 -0.49 2.73 17.33
CA HIS B 2 -1.43 2.26 16.30
C HIS B 2 -2.28 3.42 15.79
N PRO B 3 -1.67 4.42 15.14
CA PRO B 3 -2.43 5.62 14.78
C PRO B 3 -3.50 5.37 13.73
N MET B 4 -3.22 4.57 12.70
CA MET B 4 -4.20 4.33 11.66
C MET B 4 -5.38 3.51 12.18
N LEU B 5 -5.10 2.40 12.85
CA LEU B 5 -6.16 1.61 13.46
C LEU B 5 -6.96 2.43 14.45
N MET B 6 -6.27 3.30 15.21
CA MET B 6 -6.96 4.18 16.14
C MET B 6 -7.84 5.18 15.40
N ASN B 7 -7.35 5.71 14.28
CA ASN B 7 -8.14 6.67 13.52
C ASN B 7 -9.41 6.03 12.96
N LEU B 8 -9.32 4.75 12.57
CA LEU B 8 -10.48 4.05 12.00
C LEU B 8 -11.54 3.75 13.04
N LEU B 9 -11.20 3.73 14.33
CA LEU B 9 -12.16 3.53 15.42
C LEU B 9 -12.83 4.82 15.87
N LYS B 10 -12.47 5.96 15.29
CA LYS B 10 -13.06 7.23 15.68
C LYS B 10 -14.37 7.45 14.94
N LEU C 8 35.50 18.67 -24.66
CA LEU C 8 34.79 17.62 -25.39
C LEU C 8 35.55 16.29 -25.32
N SER C 9 36.06 15.95 -24.13
CA SER C 9 37.01 14.86 -23.97
C SER C 9 36.30 13.50 -24.09
N GLU C 10 37.12 12.45 -24.21
CA GLU C 10 36.58 11.10 -24.34
C GLU C 10 35.90 10.67 -23.04
N GLU C 11 36.44 11.08 -21.89
CA GLU C 11 35.82 10.73 -20.62
C GLU C 11 34.46 11.40 -20.47
N GLN C 12 34.34 12.66 -20.92
CA GLN C 12 33.05 13.33 -20.87
C GLN C 12 32.05 12.70 -21.85
N GLN C 13 32.54 12.17 -22.97
CA GLN C 13 31.64 11.49 -23.89
C GLN C 13 31.10 10.20 -23.27
N HIS C 14 31.92 9.49 -22.49
CA HIS C 14 31.44 8.29 -21.81
C HIS C 14 30.48 8.64 -20.67
N ILE C 15 30.77 9.69 -19.91
CA ILE C 15 29.83 10.14 -18.87
C ILE C 15 28.45 10.35 -19.48
N ILE C 16 28.40 10.98 -20.65
CA ILE C 16 27.10 11.30 -21.26
C ILE C 16 26.45 10.04 -21.81
N ALA C 17 27.25 9.11 -22.36
CA ALA C 17 26.70 7.85 -22.83
C ALA C 17 26.24 6.96 -21.67
N ILE C 18 26.92 7.00 -20.52
CA ILE C 18 26.49 6.23 -19.36
C ILE C 18 25.16 6.74 -18.84
N LEU C 19 25.00 8.06 -18.74
CA LEU C 19 23.79 8.61 -18.15
C LEU C 19 22.59 8.46 -19.08
N LEU C 20 22.80 8.64 -20.39
CA LEU C 20 21.75 8.33 -21.35
C LEU C 20 21.31 6.88 -21.20
N ASP C 21 22.28 5.97 -21.12
CA ASP C 21 21.95 4.56 -20.90
C ASP C 21 21.21 4.36 -19.60
N ALA C 22 21.63 5.05 -18.53
CA ALA C 22 20.94 4.94 -17.26
C ALA C 22 19.47 5.36 -17.38
N HIS C 23 19.23 6.47 -18.06
CA HIS C 23 17.87 7.00 -18.21
C HIS C 23 17.00 6.07 -19.05
N HIS C 24 17.55 5.54 -20.14
CA HIS C 24 16.76 4.65 -20.99
C HIS C 24 16.39 3.37 -20.24
N LYS C 25 17.27 2.86 -19.38
CA LYS C 25 16.91 1.70 -18.57
C LYS C 25 15.83 2.04 -17.54
N THR C 26 15.82 3.28 -17.01
CA THR C 26 15.00 3.64 -15.88
C THR C 26 13.77 4.47 -16.23
N TYR C 27 13.64 4.92 -17.48
CA TYR C 27 12.51 5.74 -17.89
C TYR C 27 11.87 5.13 -19.13
N ASP C 28 10.69 4.54 -18.95
CA ASP C 28 9.95 3.93 -20.04
C ASP C 28 9.01 4.96 -20.64
N PRO C 29 9.23 5.42 -21.87
CA PRO C 29 8.31 6.39 -22.48
C PRO C 29 7.03 5.78 -23.00
N THR C 30 6.84 4.47 -22.87
CA THR C 30 5.55 3.86 -23.14
C THR C 30 4.68 3.74 -21.89
N TYR C 31 5.27 3.82 -20.70
CA TYR C 31 4.53 3.80 -19.43
C TYR C 31 3.76 2.50 -19.27
N ALA C 32 4.38 1.39 -19.68
CA ALA C 32 3.71 0.09 -19.60
C ALA C 32 3.38 -0.27 -18.15
N ASP C 33 4.31 -0.02 -17.23
CA ASP C 33 4.15 -0.42 -15.83
C ASP C 33 3.08 0.36 -15.08
N PHE C 34 2.52 1.41 -15.66
CA PHE C 34 1.48 2.15 -14.96
C PHE C 34 0.24 1.30 -14.72
N ARG C 35 0.01 0.28 -15.56
CA ARG C 35 -1.12 -0.62 -15.35
C ARG C 35 -1.03 -1.34 -14.00
N ASP C 36 0.17 -1.48 -13.44
CA ASP C 36 0.35 -2.16 -12.16
C ASP C 36 -0.02 -1.29 -10.96
N PHE C 37 -0.20 0.02 -11.15
CA PHE C 37 -0.52 0.84 -9.99
C PHE C 37 -2.00 0.71 -9.66
N ARG C 38 -2.35 1.17 -8.47
CA ARG C 38 -3.77 1.36 -8.21
C ARG C 38 -4.34 2.34 -9.24
N PRO C 39 -5.53 2.07 -9.77
CA PRO C 39 -6.00 2.82 -10.94
C PRO C 39 -6.37 4.24 -10.55
N PRO C 40 -6.25 5.19 -11.50
CA PRO C 40 -6.60 6.63 -11.43
C PRO C 40 -8.04 6.87 -10.94
N PRO C 56 -12.30 14.13 -5.18
CA PRO C 56 -12.56 14.05 -3.74
C PRO C 56 -11.42 13.43 -2.94
N LEU C 57 -10.16 13.75 -3.27
CA LEU C 57 -8.95 13.06 -2.79
C LEU C 57 -8.78 11.70 -3.47
N SER C 58 -9.51 11.54 -4.57
CA SER C 58 -9.61 10.31 -5.34
C SER C 58 -8.26 9.80 -5.86
N MET C 59 -7.28 10.67 -6.07
CA MET C 59 -6.12 10.32 -6.86
C MET C 59 -4.89 9.97 -6.04
N LEU C 60 -4.97 10.04 -4.72
CA LEU C 60 -3.79 9.77 -3.92
C LEU C 60 -3.28 8.33 -4.03
N PRO C 61 -4.12 7.28 -3.99
CA PRO C 61 -3.57 5.93 -4.17
C PRO C 61 -2.78 5.77 -5.45
N HIS C 62 -3.34 6.22 -6.58
CA HIS C 62 -2.63 6.06 -7.85
C HIS C 62 -1.37 6.88 -7.88
N LEU C 63 -1.45 8.13 -7.41
CA LEU C 63 -0.29 9.01 -7.46
C LEU C 63 0.79 8.57 -6.48
N ALA C 64 0.41 8.01 -5.32
CA ALA C 64 1.41 7.52 -4.38
C ALA C 64 2.20 6.36 -4.98
N ASP C 65 1.50 5.46 -5.69
CA ASP C 65 2.19 4.37 -6.37
C ASP C 65 3.10 4.91 -7.47
N LEU C 66 2.62 5.91 -8.21
CA LEU C 66 3.47 6.57 -9.20
C LEU C 66 4.73 7.13 -8.55
N VAL C 67 4.60 7.78 -7.39
CA VAL C 67 5.77 8.35 -6.73
C VAL C 67 6.67 7.25 -6.20
N SER C 68 6.08 6.22 -5.59
CA SER C 68 6.85 5.12 -5.03
C SER C 68 7.60 4.37 -6.14
N TYR C 69 6.89 4.02 -7.21
CA TYR C 69 7.53 3.47 -8.40
C TYR C 69 8.64 4.38 -8.91
N SER C 70 8.38 5.69 -8.94
CA SER C 70 9.39 6.63 -9.44
C SER C 70 10.60 6.73 -8.52
N ILE C 71 10.42 6.56 -7.21
CA ILE C 71 11.57 6.59 -6.31
C ILE C 71 12.50 5.44 -6.63
N GLN C 72 11.97 4.27 -6.98
CA GLN C 72 12.83 3.14 -7.27
C GLN C 72 13.62 3.35 -8.55
N LYS C 73 12.98 3.90 -9.58
CA LYS C 73 13.70 4.19 -10.81
C LYS C 73 14.78 5.24 -10.57
N VAL C 74 14.51 6.20 -9.68
CA VAL C 74 15.50 7.23 -9.36
C VAL C 74 16.69 6.62 -8.64
N ILE C 75 16.44 5.62 -7.80
CA ILE C 75 17.56 4.94 -7.16
C ILE C 75 18.37 4.17 -8.21
N GLY C 76 17.69 3.54 -9.17
CA GLY C 76 18.38 2.82 -10.21
C GLY C 76 19.20 3.74 -11.10
N PHE C 77 18.67 4.92 -11.41
CA PHE C 77 19.46 5.90 -12.18
C PHE C 77 20.65 6.39 -11.37
N ALA C 78 20.49 6.59 -10.05
CA ALA C 78 21.58 7.11 -9.23
C ALA C 78 22.75 6.14 -9.17
N LYS C 79 22.48 4.83 -9.14
CA LYS C 79 23.55 3.84 -8.99
C LYS C 79 24.51 3.82 -10.17
N MET C 80 24.09 4.30 -11.33
CA MET C 80 24.94 4.28 -12.51
C MET C 80 25.55 5.63 -12.82
N ILE C 81 25.38 6.62 -11.95
CA ILE C 81 26.10 7.89 -12.04
C ILE C 81 27.56 7.60 -11.73
N PRO C 82 28.50 7.92 -12.63
CA PRO C 82 29.90 7.52 -12.41
C PRO C 82 30.46 8.10 -11.12
N GLY C 83 30.99 7.22 -10.27
CA GLY C 83 31.51 7.61 -8.98
C GLY C 83 30.51 7.57 -7.84
N PHE C 84 29.22 7.38 -8.13
CA PHE C 84 28.21 7.39 -7.08
C PHE C 84 28.32 6.18 -6.17
N ARG C 85 28.73 5.04 -6.70
CA ARG C 85 28.86 3.83 -5.88
C ARG C 85 30.09 3.86 -4.98
N ASP C 86 30.98 4.84 -5.15
CA ASP C 86 32.11 5.03 -4.24
C ASP C 86 31.67 5.59 -2.89
N LEU C 87 30.49 6.19 -2.81
CA LEU C 87 30.04 6.80 -1.57
C LEU C 87 29.74 5.74 -0.53
N THR C 88 29.80 6.14 0.73
CA THR C 88 29.33 5.27 1.79
C THR C 88 27.81 5.09 1.69
N SER C 89 27.33 3.99 2.26
CA SER C 89 25.92 3.69 2.18
C SER C 89 25.06 4.76 2.86
N ASP C 90 25.58 5.36 3.93
CA ASP C 90 24.81 6.38 4.62
C ASP C 90 24.67 7.63 3.78
N ASP C 91 25.74 8.00 3.05
CA ASP C 91 25.69 9.21 2.23
C ASP C 91 24.78 9.02 1.02
N GLN C 92 24.80 7.83 0.42
CA GLN C 92 23.86 7.57 -0.67
C GLN C 92 22.42 7.77 -0.20
N ILE C 93 22.13 7.40 1.05
CA ILE C 93 20.77 7.51 1.58
C ILE C 93 20.39 8.96 1.77
N VAL C 94 21.29 9.73 2.41
CA VAL C 94 21.05 11.15 2.64
C VAL C 94 20.82 11.89 1.33
N LEU C 95 21.62 11.58 0.30
CA LEU C 95 21.44 12.24 -1.00
C LEU C 95 20.11 11.85 -1.66
N LEU C 96 19.75 10.57 -1.57
CA LEU C 96 18.54 10.12 -2.23
C LEU C 96 17.29 10.57 -1.48
N LYS C 97 17.36 10.69 -0.14
CA LYS C 97 16.21 11.18 0.60
C LYS C 97 15.96 12.65 0.29
N SER C 98 17.02 13.46 0.21
CA SER C 98 16.88 14.89 -0.02
C SER C 98 16.57 15.24 -1.47
N SER C 99 16.97 14.41 -2.44
CA SER C 99 16.80 14.75 -3.85
C SER C 99 15.67 14.00 -4.53
N ALA C 100 15.04 13.05 -3.84
CA ALA C 100 14.09 12.16 -4.49
C ALA C 100 12.99 12.93 -5.18
N ILE C 101 12.30 13.80 -4.43
CA ILE C 101 11.18 14.53 -4.98
C ILE C 101 11.64 15.50 -6.04
N GLU C 102 12.85 16.06 -5.90
CA GLU C 102 13.36 16.99 -6.90
C GLU C 102 13.62 16.29 -8.23
N VAL C 103 14.23 15.10 -8.20
CA VAL C 103 14.51 14.38 -9.43
C VAL C 103 13.21 13.91 -10.05
N ILE C 104 12.22 13.57 -9.23
CA ILE C 104 10.91 13.20 -9.77
C ILE C 104 10.28 14.37 -10.50
N MET C 105 10.40 15.58 -9.94
CA MET C 105 9.88 16.76 -10.64
C MET C 105 10.67 17.03 -11.91
N LEU C 106 11.99 16.89 -11.88
CA LEU C 106 12.79 17.03 -13.09
C LEU C 106 12.39 15.98 -14.14
N ARG C 107 12.36 14.70 -13.75
CA ARG C 107 12.10 13.67 -14.75
C ARG C 107 10.67 13.73 -15.28
N SER C 108 9.74 14.31 -14.52
CA SER C 108 8.36 14.40 -14.99
C SER C 108 8.22 15.36 -16.18
N ASN C 109 9.22 16.21 -16.42
CA ASN C 109 9.13 17.15 -17.51
C ASN C 109 9.02 16.45 -18.87
N GLN C 110 9.47 15.19 -18.93
CA GLN C 110 9.38 14.43 -20.18
C GLN C 110 7.93 14.14 -20.56
N SER C 111 7.06 13.88 -19.58
CA SER C 111 5.64 13.68 -19.91
C SER C 111 4.84 14.97 -19.96
N PHE C 112 5.33 16.03 -19.31
CA PHE C 112 4.58 17.28 -19.22
C PHE C 112 4.50 17.97 -20.59
N THR C 113 3.30 18.47 -20.93
CA THR C 113 3.11 19.27 -22.14
C THR C 113 2.35 20.55 -21.82
N MET C 114 2.80 21.64 -22.44
CA MET C 114 2.20 22.95 -22.27
C MET C 114 0.94 23.13 -23.11
N ASP C 115 0.66 22.22 -24.04
CA ASP C 115 -0.58 22.34 -24.81
C ASP C 115 -1.79 22.20 -23.89
N ASP C 116 -1.72 21.31 -22.91
CA ASP C 116 -2.79 21.09 -21.96
C ASP C 116 -2.40 21.38 -20.52
N MET C 117 -1.14 21.74 -20.27
CA MET C 117 -0.63 21.98 -18.91
C MET C 117 -0.84 20.75 -18.02
N SER C 118 -0.48 19.58 -18.56
CA SER C 118 -0.71 18.32 -17.87
C SER C 118 0.46 17.39 -18.13
N TRP C 119 0.57 16.37 -17.28
CA TRP C 119 1.57 15.32 -17.44
C TRP C 119 0.95 14.16 -18.21
N ASP C 120 1.43 13.94 -19.44
CA ASP C 120 0.81 13.03 -20.38
C ASP C 120 1.61 11.73 -20.41
N CYS C 121 1.00 10.64 -19.94
CA CYS C 121 1.68 9.35 -19.90
C CYS C 121 1.06 8.35 -20.87
N GLY C 122 0.76 8.80 -22.08
CA GLY C 122 0.43 7.91 -23.17
C GLY C 122 -1.01 7.49 -23.28
N SER C 123 -1.85 7.87 -22.33
CA SER C 123 -3.22 7.37 -22.32
C SER C 123 -4.10 8.37 -21.58
N GLN C 124 -5.39 8.40 -21.94
CA GLN C 124 -6.32 9.28 -21.25
C GLN C 124 -6.43 8.90 -19.78
N ASP C 125 -6.21 7.63 -19.45
CA ASP C 125 -6.28 7.22 -18.05
C ASP C 125 -5.09 7.73 -17.25
N TYR C 126 -3.91 7.84 -17.87
CA TYR C 126 -2.74 8.37 -17.18
C TYR C 126 -2.31 9.71 -17.74
N LYS C 127 -3.19 10.70 -17.70
CA LYS C 127 -2.84 12.08 -17.96
C LYS C 127 -3.22 12.90 -16.74
N TYR C 128 -2.25 13.63 -16.19
CA TYR C 128 -2.38 14.26 -14.88
C TYR C 128 -2.44 15.77 -15.04
N ASP C 129 -3.58 16.36 -14.69
CA ASP C 129 -3.77 17.80 -14.72
C ASP C 129 -3.67 18.36 -13.30
N VAL C 130 -3.77 19.69 -13.19
CA VAL C 130 -3.74 20.34 -11.88
C VAL C 130 -4.89 19.85 -11.00
N THR C 131 -6.04 19.54 -11.61
CA THR C 131 -7.19 19.08 -10.82
C THR C 131 -6.88 17.74 -10.17
N ASP C 132 -6.19 16.83 -10.86
CA ASP C 132 -5.89 15.51 -10.30
C ASP C 132 -4.86 15.61 -9.18
N VAL C 133 -3.81 16.43 -9.37
CA VAL C 133 -2.89 16.72 -8.28
C VAL C 133 -3.64 17.30 -7.09
N SER C 134 -4.55 18.23 -7.36
CA SER C 134 -5.40 18.83 -6.34
C SER C 134 -6.17 17.76 -5.57
N THR C 139 -3.34 22.52 -1.66
CA THR C 139 -2.26 21.98 -2.46
C THR C 139 -1.84 23.01 -3.48
N LEU C 140 -2.80 23.88 -3.83
CA LEU C 140 -2.59 24.88 -4.88
C LEU C 140 -1.41 25.80 -4.61
N GLU C 141 -1.00 25.94 -3.34
CA GLU C 141 0.25 26.60 -3.02
C GLU C 141 1.41 25.94 -3.74
N LEU C 142 1.42 24.61 -3.77
CA LEU C 142 2.49 23.82 -4.39
C LEU C 142 2.31 23.70 -5.90
N ILE C 143 1.07 23.58 -6.38
CA ILE C 143 0.84 23.14 -7.75
C ILE C 143 1.23 24.23 -8.73
N GLU C 144 0.77 25.46 -8.50
CA GLU C 144 1.07 26.56 -9.42
C GLU C 144 2.56 26.79 -9.61
N PRO C 145 3.38 26.94 -8.56
CA PRO C 145 4.83 27.01 -8.81
C PRO C 145 5.37 25.78 -9.49
N LEU C 146 4.86 24.60 -9.15
CA LEU C 146 5.28 23.39 -9.83
C LEU C 146 4.99 23.46 -11.33
N ILE C 147 3.75 23.86 -11.69
CA ILE C 147 3.42 24.03 -13.11
C ILE C 147 4.29 25.11 -13.73
N LYS C 148 4.48 26.23 -13.02
CA LYS C 148 5.37 27.28 -13.51
C LYS C 148 6.79 26.76 -13.73
N PHE C 149 7.26 25.90 -12.82
CA PHE C 149 8.60 25.33 -12.97
C PHE C 149 8.69 24.46 -14.21
N GLN C 150 7.65 23.65 -14.46
CA GLN C 150 7.64 22.77 -15.62
C GLN C 150 7.68 23.57 -16.92
N VAL C 151 6.88 24.63 -17.02
CA VAL C 151 6.89 25.47 -18.21
C VAL C 151 8.26 26.09 -18.44
N GLY C 152 8.88 26.63 -17.38
CA GLY C 152 10.21 27.18 -17.52
C GLY C 152 11.23 26.15 -17.94
N LEU C 153 11.15 24.95 -17.36
CA LEU C 153 12.06 23.87 -17.76
C LEU C 153 11.79 23.43 -19.20
N LYS C 154 10.51 23.30 -19.56
CA LYS C 154 10.14 22.92 -20.92
C LYS C 154 10.59 23.97 -21.93
N LYS C 155 10.50 25.25 -21.55
CA LYS C 155 10.89 26.32 -22.46
C LYS C 155 12.39 26.28 -22.80
N LEU C 156 13.22 25.73 -21.91
CA LEU C 156 14.65 25.63 -22.19
C LEU C 156 14.96 24.71 -23.37
N ASN C 157 14.05 23.78 -23.70
CA ASN C 157 14.23 22.88 -24.85
C ASN C 157 15.56 22.11 -24.75
N LEU C 158 15.77 21.47 -23.61
CA LEU C 158 17.04 20.79 -23.37
C LEU C 158 17.22 19.63 -24.33
N HIS C 159 18.48 19.31 -24.62
CA HIS C 159 18.82 18.03 -25.20
C HIS C 159 18.61 16.94 -24.15
N GLU C 160 18.52 15.69 -24.62
CA GLU C 160 18.47 14.58 -23.67
C GLU C 160 19.77 14.45 -22.90
N GLU C 161 20.92 14.75 -23.54
CA GLU C 161 22.20 14.78 -22.83
C GLU C 161 22.16 15.77 -21.68
N GLU C 162 21.65 16.98 -21.92
CA GLU C 162 21.56 17.97 -20.86
C GLU C 162 20.60 17.51 -19.76
N HIS C 163 19.49 16.89 -20.14
CA HIS C 163 18.47 16.48 -19.17
C HIS C 163 19.05 15.53 -18.13
N VAL C 164 19.80 14.52 -18.58
CA VAL C 164 20.29 13.49 -17.67
C VAL C 164 21.41 14.02 -16.80
N LEU C 165 22.29 14.86 -17.35
CA LEU C 165 23.33 15.47 -16.53
C LEU C 165 22.72 16.31 -15.42
N LEU C 166 21.66 17.06 -15.73
CA LEU C 166 21.00 17.88 -14.72
C LEU C 166 20.40 17.04 -13.60
N MET C 167 19.79 15.89 -13.93
CA MET C 167 19.29 14.99 -12.89
C MET C 167 20.44 14.45 -12.04
N ALA C 168 21.57 14.13 -12.67
CA ALA C 168 22.71 13.60 -11.92
C ALA C 168 23.26 14.65 -10.95
N ILE C 169 23.44 15.87 -11.44
CA ILE C 169 23.96 16.95 -10.59
C ILE C 169 23.04 17.18 -9.40
N CYS C 170 21.74 17.03 -9.61
CA CYS C 170 20.79 17.25 -8.53
C CYS C 170 20.93 16.20 -7.43
N ILE C 171 21.12 14.94 -7.82
CA ILE C 171 21.26 13.86 -6.84
C ILE C 171 22.55 14.02 -6.05
N VAL C 172 23.66 14.27 -6.73
CA VAL C 172 24.96 14.30 -6.06
C VAL C 172 25.25 15.74 -5.60
N SER C 173 24.52 16.17 -4.56
CA SER C 173 24.65 17.53 -4.06
C SER C 173 25.48 17.52 -2.79
N PRO C 174 26.66 18.16 -2.77
CA PRO C 174 27.45 18.21 -1.53
C PRO C 174 26.82 19.03 -0.42
N ASP C 175 25.83 19.87 -0.73
CA ASP C 175 25.29 20.81 0.24
C ASP C 175 24.14 20.26 1.08
N ARG C 176 23.64 19.04 0.79
CA ARG C 176 22.49 18.54 1.55
C ARG C 176 22.87 18.33 3.01
N PRO C 177 22.01 18.72 3.94
CA PRO C 177 22.33 18.53 5.36
C PRO C 177 22.57 17.06 5.69
N GLY C 178 23.64 16.79 6.42
CA GLY C 178 23.96 15.46 6.87
C GLY C 178 24.93 14.69 6.01
N VAL C 179 25.40 15.27 4.90
CA VAL C 179 26.43 14.60 4.12
C VAL C 179 27.70 14.52 4.94
N GLN C 180 28.39 13.37 4.88
CA GLN C 180 29.61 13.17 5.65
C GLN C 180 30.84 13.53 4.83
N ASP C 181 31.01 12.87 3.69
CA ASP C 181 32.17 13.08 2.82
C ASP C 181 31.79 14.07 1.72
N ALA C 182 31.67 15.33 2.15
CA ALA C 182 31.25 16.38 1.23
C ALA C 182 32.23 16.56 0.07
N LYS C 183 33.52 16.32 0.33
CA LYS C 183 34.53 16.51 -0.72
C LYS C 183 34.30 15.54 -1.87
N LEU C 184 34.05 14.26 -1.56
CA LEU C 184 33.83 13.27 -2.61
C LEU C 184 32.59 13.59 -3.42
N VAL C 185 31.48 13.94 -2.75
CA VAL C 185 30.29 14.36 -3.47
C VAL C 185 30.63 15.50 -4.42
N GLU C 186 31.30 16.54 -3.90
CA GLU C 186 31.69 17.68 -4.73
C GLU C 186 32.55 17.23 -5.90
N ALA C 187 33.44 16.27 -5.68
CA ALA C 187 34.30 15.79 -6.76
C ALA C 187 33.48 15.15 -7.86
N ILE C 188 32.50 14.33 -7.48
CA ILE C 188 31.63 13.71 -8.47
C ILE C 188 30.80 14.77 -9.19
N GLN C 189 30.26 15.74 -8.44
CA GLN C 189 29.43 16.76 -9.06
C GLN C 189 30.23 17.62 -10.03
N ASP C 190 31.48 17.93 -9.69
CA ASP C 190 32.28 18.85 -10.51
C ASP C 190 32.51 18.29 -11.90
N ARG C 191 32.86 17.00 -11.98
CA ARG C 191 33.02 16.39 -13.29
C ARG C 191 31.72 16.44 -14.07
N LEU C 192 30.57 16.29 -13.39
CA LEU C 192 29.28 16.34 -14.08
C LEU C 192 28.96 17.75 -14.59
N SER C 193 29.24 18.77 -13.78
CA SER C 193 28.98 20.15 -14.21
C SER C 193 29.96 20.57 -15.31
N ASN C 194 31.23 20.20 -15.18
CA ASN C 194 32.16 20.51 -16.27
C ASN C 194 31.72 19.84 -17.56
N THR C 195 31.29 18.57 -17.47
CA THR C 195 30.76 17.89 -18.65
C THR C 195 29.60 18.67 -19.27
N LEU C 196 28.70 19.19 -18.44
CA LEU C 196 27.51 19.88 -18.94
C LEU C 196 27.87 21.19 -19.62
N GLN C 197 28.68 22.02 -18.95
CA GLN C 197 29.01 23.33 -19.53
C GLN C 197 29.76 23.18 -20.83
N THR C 198 30.80 22.33 -20.87
CA THR C 198 31.51 22.18 -22.13
C THR C 198 30.62 21.50 -23.16
N TYR C 199 29.65 20.69 -22.72
CA TYR C 199 28.69 20.13 -23.67
C TYR C 199 27.89 21.24 -24.33
N ILE C 200 27.35 22.16 -23.52
CA ILE C 200 26.53 23.24 -24.07
C ILE C 200 27.34 24.07 -25.06
N ARG C 201 28.57 24.45 -24.68
CA ARG C 201 29.39 25.26 -25.56
C ARG C 201 29.72 24.50 -26.84
N CYS C 202 29.96 23.19 -26.74
CA CYS C 202 30.43 22.45 -27.91
C CYS C 202 29.30 22.01 -28.82
N ARG C 203 28.16 21.59 -28.25
CA ARG C 203 27.13 20.93 -29.04
C ARG C 203 25.72 21.52 -28.87
N HIS C 204 25.59 22.70 -28.26
CA HIS C 204 24.32 23.43 -28.16
C HIS C 204 24.46 24.78 -28.84
N PRO C 205 23.63 25.09 -29.85
CA PRO C 205 23.83 26.28 -30.65
C PRO C 205 23.06 27.48 -30.13
N PRO C 206 23.50 28.66 -30.50
CA PRO C 206 22.60 29.79 -30.71
C PRO C 206 21.29 29.36 -31.26
N PRO C 207 20.18 29.91 -30.70
CA PRO C 207 20.23 30.91 -29.61
C PRO C 207 19.89 30.31 -28.26
N GLY C 208 19.51 29.02 -28.25
CA GLY C 208 19.16 28.38 -26.99
C GLY C 208 20.32 28.25 -26.03
N SER C 209 21.54 28.24 -26.56
CA SER C 209 22.73 28.13 -25.70
C SER C 209 22.89 29.32 -24.76
N HIS C 210 22.24 30.45 -25.07
CA HIS C 210 22.46 31.70 -24.37
C HIS C 210 22.05 31.60 -22.91
N GLN C 211 23.02 31.78 -22.00
CA GLN C 211 22.79 31.73 -20.55
C GLN C 211 22.22 30.38 -20.09
N LEU C 212 22.45 29.32 -20.86
CA LEU C 212 21.72 28.08 -20.60
C LEU C 212 22.16 27.41 -19.30
N TYR C 213 23.46 27.38 -19.05
CA TYR C 213 23.96 26.75 -17.83
C TYR C 213 23.44 27.46 -16.58
N ALA C 214 23.43 28.80 -16.60
CA ALA C 214 22.90 29.56 -15.48
C ALA C 214 21.41 29.30 -15.29
N LYS C 215 20.66 29.22 -16.39
CA LYS C 215 19.23 28.98 -16.30
C LYS C 215 18.92 27.57 -15.83
N MET C 216 19.71 26.57 -16.26
CA MET C 216 19.49 25.20 -15.79
C MET C 216 19.77 25.08 -14.30
N ILE C 217 20.84 25.71 -13.82
CA ILE C 217 21.12 25.57 -12.39
C ILE C 217 20.26 26.50 -11.55
N GLN C 218 19.72 27.57 -12.11
CA GLN C 218 18.66 28.28 -11.41
C GLN C 218 17.47 27.35 -11.16
N LYS C 219 17.21 26.43 -12.10
CA LYS C 219 16.19 25.43 -11.89
C LYS C 219 16.48 24.57 -10.67
N LEU C 220 17.77 24.32 -10.41
CA LEU C 220 18.16 23.58 -9.22
C LEU C 220 17.80 24.37 -7.97
N ALA C 221 17.95 25.68 -8.00
CA ALA C 221 17.57 26.50 -6.85
C ALA C 221 16.05 26.52 -6.67
N ASP C 222 15.29 26.45 -7.76
CA ASP C 222 13.82 26.41 -7.65
C ASP C 222 13.36 25.08 -7.07
N LEU C 223 14.01 23.98 -7.45
CA LEU C 223 13.68 22.68 -6.87
C LEU C 223 13.78 22.69 -5.35
N ARG C 224 14.81 23.36 -4.82
CA ARG C 224 14.98 23.48 -3.39
C ARG C 224 13.74 24.07 -2.74
N SER C 225 13.29 25.21 -3.26
CA SER C 225 12.12 25.89 -2.70
C SER C 225 10.85 25.07 -2.94
N LEU C 226 10.78 24.35 -4.06
CA LEU C 226 9.69 23.40 -4.27
C LEU C 226 9.76 22.26 -3.26
N ASN C 227 10.97 21.76 -2.99
CA ASN C 227 11.15 20.71 -1.99
C ASN C 227 10.63 21.17 -0.64
N GLU C 228 11.02 22.38 -0.22
CA GLU C 228 10.53 22.91 1.05
C GLU C 228 9.00 23.00 1.05
N GLU C 229 8.41 23.34 -0.10
CA GLU C 229 6.95 23.40 -0.14
C GLU C 229 6.34 22.01 -0.30
N HIS C 230 7.00 21.10 -1.02
CA HIS C 230 6.50 19.73 -1.02
C HIS C 230 6.53 19.14 0.40
N SER C 231 7.56 19.48 1.17
CA SER C 231 7.62 19.04 2.57
C SER C 231 6.49 19.64 3.38
N LYS C 232 6.19 20.92 3.16
CA LYS C 232 5.08 21.55 3.87
C LYS C 232 3.76 20.85 3.56
N GLN C 233 3.45 20.66 2.26
CA GLN C 233 2.19 20.04 1.88
C GLN C 233 2.12 18.58 2.32
N TYR C 234 3.27 17.87 2.33
CA TYR C 234 3.28 16.47 2.69
C TYR C 234 3.03 16.27 4.19
N ARG C 235 3.74 17.04 5.02
CA ARG C 235 3.63 16.86 6.46
C ARG C 235 2.22 17.18 6.96
N SER C 236 1.61 18.24 6.42
CA SER C 236 0.25 18.58 6.82
C SER C 236 -0.74 17.50 6.39
N LEU C 237 -0.49 16.88 5.23
CA LEU C 237 -1.40 15.87 4.73
C LEU C 237 -1.09 14.49 5.29
N SER C 238 0.15 14.25 5.72
CA SER C 238 0.49 13.01 6.40
C SER C 238 0.17 13.03 7.88
N PHE C 239 -0.29 14.16 8.42
CA PHE C 239 -0.72 14.24 9.81
C PHE C 239 -2.15 13.76 9.99
N GLN C 240 -2.89 13.58 8.91
CA GLN C 240 -4.16 12.88 8.96
C GLN C 240 -3.91 11.41 8.63
N PRO C 241 -4.16 10.47 9.56
CA PRO C 241 -3.88 9.06 9.24
C PRO C 241 -4.72 8.53 8.10
N GLU C 242 -5.87 9.15 7.83
CA GLU C 242 -6.70 8.76 6.69
C GLU C 242 -5.90 8.76 5.41
N ASN C 243 -5.08 9.78 5.20
CA ASN C 243 -4.27 9.90 4.00
C ASN C 243 -3.00 9.06 4.07
N SER C 244 -2.39 8.98 5.25
CA SER C 244 -1.20 8.15 5.41
C SER C 244 -1.47 6.69 5.08
N MET C 245 -2.71 6.23 5.29
CA MET C 245 -3.09 4.87 4.90
C MET C 245 -2.88 4.63 3.42
N LYS C 246 -3.14 5.64 2.60
CA LYS C 246 -3.12 5.46 1.16
C LYS C 246 -1.72 5.45 0.57
N LEU C 247 -0.69 5.79 1.34
CA LEU C 247 0.68 5.87 0.83
C LEU C 247 1.29 4.47 0.75
N THR C 248 2.58 4.40 0.43
CA THR C 248 3.29 3.15 0.38
C THR C 248 4.35 3.08 1.48
N PRO C 249 4.81 1.88 1.85
CA PRO C 249 5.88 1.80 2.85
C PRO C 249 7.13 2.53 2.41
N LEU C 250 7.48 2.45 1.13
CA LEU C 250 8.69 3.10 0.67
C LEU C 250 8.58 4.62 0.80
N VAL C 251 7.43 5.19 0.43
CA VAL C 251 7.33 6.64 0.50
C VAL C 251 7.38 7.13 1.95
N LEU C 252 6.77 6.40 2.89
CA LEU C 252 6.81 6.83 4.27
C LEU C 252 8.23 6.69 4.83
N GLU C 253 8.94 5.65 4.40
CA GLU C 253 10.36 5.55 4.75
C GLU C 253 11.15 6.72 4.18
N VAL C 254 10.92 7.06 2.91
CA VAL C 254 11.75 8.04 2.20
C VAL C 254 11.41 9.46 2.63
N PHE C 255 10.12 9.76 2.77
CA PHE C 255 9.67 11.10 3.13
C PHE C 255 9.37 11.25 4.62
N GLY C 256 9.67 10.24 5.43
CA GLY C 256 9.51 10.38 6.88
C GLY C 256 8.28 9.74 7.49
N ASN D 1 17.40 2.15 10.57
CA ASN D 1 16.28 2.61 9.75
C ASN D 1 16.55 2.38 8.28
N HIS D 2 15.68 2.93 7.45
CA HIS D 2 15.79 2.86 6.00
C HIS D 2 16.18 1.48 5.43
N PRO D 3 15.58 0.39 5.91
CA PRO D 3 15.93 -0.93 5.35
C PRO D 3 15.49 -1.10 3.91
N MET D 4 14.40 -0.46 3.49
CA MET D 4 13.98 -0.53 2.10
C MET D 4 14.90 0.27 1.19
N LEU D 5 15.30 1.48 1.60
CA LEU D 5 16.34 2.21 0.89
C LEU D 5 17.62 1.38 0.82
N MET D 6 18.07 0.91 1.98
CA MET D 6 19.26 0.07 2.06
C MET D 6 19.19 -1.07 1.05
N ASN D 7 18.00 -1.68 0.91
CA ASN D 7 17.88 -2.87 0.09
C ASN D 7 17.92 -2.55 -1.40
N LEU D 8 17.40 -1.39 -1.80
CA LEU D 8 17.47 -0.99 -3.19
C LEU D 8 18.86 -0.52 -3.58
N LEU D 9 19.64 0.02 -2.62
CA LEU D 9 21.01 0.43 -2.93
C LEU D 9 21.90 -0.75 -3.20
N LYS D 10 21.63 -1.89 -2.57
CA LYS D 10 22.46 -3.08 -2.74
C LYS D 10 22.24 -3.71 -4.12
O3 VDP E . 0.89 -12.82 5.67
C25 VDP E . -0.01 -12.83 4.85
C26 VDP E . -0.77 -11.61 4.42
O4 VDP E . -1.39 -10.98 5.56
C24 VDP E . 0.16 -10.64 3.68
C27 VDP E . -1.83 -12.14 3.46
C23 VDP E . -1.57 -13.63 3.25
N28 VDP E . -0.50 -13.91 4.22
C28 VDP E . -0.14 -15.32 4.36
C29 VDP E . 1.32 -15.39 3.92
C30 VDP E . 1.37 -15.58 2.42
C31 VDP E . 2.61 -14.99 1.76
C32 VDP E . 2.30 -14.99 0.28
C33 VDP E . 1.32 -14.13 -0.21
C34 VDP E . 1.01 -14.12 -1.57
C35 VDP E . 1.67 -14.98 -2.44
C36 VDP E . 2.64 -15.85 -1.95
C37 VDP E . 2.96 -15.86 -0.60
C22 VDP E . -2.82 -14.44 3.59
C20 VDP E . -3.77 -14.31 2.40
C21 VDP E . -2.94 -14.55 1.12
C16 VDP E . -5.03 -15.19 2.52
C11 VDP E . -6.12 -14.92 1.47
C18 VDP E . -6.28 -13.40 1.36
C9 VDP E . -7.36 -15.53 2.11
C15 VDP E . -7.28 -15.04 3.54
C17 VDP E . -5.76 -14.97 3.84
C12 VDP E . -5.96 -15.53 0.09
C13 VDP E . -7.20 -15.28 -0.77
C14 VDP E . -8.51 -15.71 -0.11
C8 VDP E . -8.52 -15.12 1.26
C7 VDP E . -9.49 -14.28 1.61
C6 VDP E . -10.54 -13.95 0.63
C5 VDP E . -11.42 -12.92 0.70
C4 VDP E . -12.39 -12.77 -0.45
C3 VDP E . -13.73 -12.18 -0.02
O2 VDP E . -14.55 -13.16 0.67
C2 VDP E . -13.50 -10.94 0.85
C1 VDP E . -12.84 -11.40 2.15
O1 VDP E . -12.80 -10.34 3.10
C10 VDP E . -11.49 -11.93 1.79
C19 VDP E . -10.44 -11.45 2.44
O3 VDP F . 2.88 14.94 -0.90
C25 VDP F . 2.89 14.55 -2.06
C26 VDP F . 3.20 13.12 -2.46
O4 VDP F . 4.32 12.59 -1.74
C24 VDP F . 1.98 12.24 -2.28
C27 VDP F . 3.52 13.26 -3.94
C23 VDP F . 2.82 14.55 -4.40
N28 VDP F . 2.67 15.30 -3.14
C28 VDP F . 2.30 16.71 -3.31
C29 VDP F . 0.94 16.96 -2.67
C30 VDP F . -0.13 16.00 -3.18
C31 VDP F . -1.43 16.02 -2.38
C32 VDP F . -1.37 15.08 -1.19
C33 VDP F . -0.20 14.89 -0.45
C34 VDP F . -0.14 14.03 0.63
C35 VDP F . -1.28 13.32 1.00
C36 VDP F . -2.46 13.49 0.27
C37 VDP F . -2.51 14.37 -0.82
C22 VDP F . 3.64 15.33 -5.42
C20 VDP F . 2.89 15.02 -6.72
C21 VDP F . 1.44 15.44 -6.51
C16 VDP F . 3.50 15.57 -8.00
C11 VDP F . 3.13 14.72 -9.21
C18 VDP F . 3.41 13.27 -8.85
C9 VDP F . 4.12 15.23 -10.24
C15 VDP F . 5.44 15.23 -9.49
C17 VDP F . 5.03 15.58 -8.05
C12 VDP F . 1.70 14.82 -9.75
C13 VDP F . 1.53 14.05 -11.07
C14 VDP F . 2.60 14.37 -12.11
C8 VDP F . 3.96 14.36 -11.45
C7 VDP F . 4.95 13.57 -11.92
C6 VDP F . 4.68 12.74 -13.10
C5 VDP F . 5.39 11.65 -13.47
C4 VDP F . 4.94 10.89 -14.71
C3 VDP F . 6.14 10.45 -15.55
O2 VDP F . 6.77 11.60 -16.14
C2 VDP F . 7.15 9.71 -14.67
C1 VDP F . 7.70 10.63 -13.59
O1 VDP F . 8.63 9.92 -12.76
C10 VDP F . 6.56 11.11 -12.76
C19 VDP F . 6.64 10.96 -11.45
#